data_5ALR
#
_entry.id   5ALR
#
_cell.length_a   92.675
_cell.length_b   92.675
_cell.length_c   244.721
_cell.angle_alpha   90.00
_cell.angle_beta   90.00
_cell.angle_gamma   120.00
#
_symmetry.space_group_name_H-M   'P 65 2 2'
#
loop_
_entity.id
_entity.type
_entity.pdbx_description
1 polymer 'BIFUNCTIONAL EPOXIDE HYDROLASE 2'
2 non-polymer 'SULFATE ION'
3 non-polymer N-[4-(TRIFLUOROMETHYLSULFANYL)PHENYL]QUINAZOLIN-4-AMINE
4 water water
#
_entity_poly.entity_id   1
_entity_poly.type   'polypeptide(L)'
_entity_poly.pdbx_seq_one_letter_code
;GMTLRAAVFDLDGVLALPAVFGVLGRTEEALALPRGLLNDAFQKGGPEGATTRLMKGEITLSQWIPLMEENCRKCSETAK
VCLPKNFSIKEIFDKAISARKINRPMLQAALMLRKKGFTTAILTNTWLDDRAERDGLAQLMCELKMHFDFLIESCQVGMV
KPEPQIYKFLLDTLKASPSEVVFLDDIGANLKPARDLGMVTILVQDTDTALKELEKVTGIQLLNTPAPLPTSCNPSDMSH
GYVTVKPRVRLHFVELGSGPAVCLCHGFPESWYSWRYQIPALAQAGYRVLAMDMKGYGESSAPPEIEEYCMEVLCKEMVT
FLDKLGLSQAVFIGHDWGGMLVWYMALFYPERVRAVASLNTPFIPANPNMSPLESIKANPVFDYQLYFQEPGVAEAELEQ
NLSRTFKSLFRASDESVLSMHKVCEAGGLFVNSPEEPSLSRMVTEEEIQFYVQQFKKSGFRGPLNWYRNMERNWKWACKS
LGRKILIPALMVTAEKDFVLVPQMSQHMEDWIPHLKRGHIEDCGHWTQMDKPTEVNQILIKWLDSDARN
;
_entity_poly.pdbx_strand_id   A
#
loop_
_chem_comp.id
_chem_comp.type
_chem_comp.name
_chem_comp.formula
8TM non-polymer N-[4-(TRIFLUOROMETHYLSULFANYL)PHENYL]QUINAZOLIN-4-AMINE 'C15 H10 F3 N3 S'
SO4 non-polymer 'SULFATE ION' 'O4 S -2'
#
# COMPACT_ATOMS: atom_id res chain seq x y z
N THR A 3 -2.96 -3.73 -34.17
CA THR A 3 -2.21 -3.16 -33.05
C THR A 3 -3.11 -2.93 -31.82
N LEU A 4 -2.71 -3.50 -30.67
CA LEU A 4 -3.48 -3.43 -29.43
C LEU A 4 -3.10 -2.29 -28.49
N ARG A 5 -4.10 -1.79 -27.73
CA ARG A 5 -3.95 -0.76 -26.70
C ARG A 5 -4.92 -0.97 -25.51
N ALA A 6 -5.71 -2.07 -25.53
CA ALA A 6 -6.67 -2.42 -24.48
C ALA A 6 -6.68 -3.90 -24.10
N ALA A 7 -6.74 -4.18 -22.77
CA ALA A 7 -6.77 -5.54 -22.20
C ALA A 7 -7.97 -5.70 -21.27
N VAL A 8 -8.75 -6.77 -21.50
CA VAL A 8 -9.98 -7.05 -20.78
C VAL A 8 -9.92 -8.43 -20.13
N PHE A 9 -10.16 -8.44 -18.83
CA PHE A 9 -10.09 -9.65 -18.03
C PHE A 9 -11.41 -9.96 -17.37
N ASP A 10 -11.70 -11.24 -17.23
CA ASP A 10 -12.85 -11.70 -16.49
C ASP A 10 -12.38 -11.73 -15.02
N LEU A 11 -13.30 -11.89 -14.08
CA LEU A 11 -12.93 -11.99 -12.68
C LEU A 11 -12.81 -13.47 -12.32
N ASP A 12 -13.94 -14.21 -12.35
CA ASP A 12 -14.00 -15.64 -12.01
C ASP A 12 -13.21 -16.48 -13.01
N GLY A 13 -12.20 -17.17 -12.51
CA GLY A 13 -11.33 -18.03 -13.31
C GLY A 13 -10.21 -17.34 -14.07
N VAL A 14 -10.17 -15.98 -14.07
CA VAL A 14 -9.14 -15.23 -14.77
C VAL A 14 -8.34 -14.40 -13.78
N LEU A 15 -8.96 -13.39 -13.14
CA LEU A 15 -8.26 -12.58 -12.12
C LEU A 15 -8.41 -13.16 -10.69
N ALA A 16 -9.35 -14.11 -10.51
CA ALA A 16 -9.58 -14.74 -9.21
C ALA A 16 -9.73 -16.27 -9.32
N LEU A 17 -8.90 -16.99 -8.52
CA LEU A 17 -8.84 -18.46 -8.47
C LEU A 17 -8.92 -19.00 -7.05
N PRO A 18 -9.54 -20.20 -6.81
CA PRO A 18 -10.26 -21.05 -7.77
C PRO A 18 -11.61 -20.45 -8.19
N ALA A 19 -12.08 -20.78 -9.41
CA ALA A 19 -13.36 -20.29 -9.93
C ALA A 19 -14.53 -20.79 -9.07
N VAL A 20 -15.48 -19.89 -8.77
CA VAL A 20 -16.67 -20.18 -7.97
C VAL A 20 -17.54 -21.24 -8.69
N PHE A 21 -17.61 -21.16 -10.04
CA PHE A 21 -18.34 -22.08 -10.90
C PHE A 21 -17.91 -23.55 -10.75
N GLY A 22 -16.60 -23.78 -10.62
CA GLY A 22 -16.02 -25.11 -10.45
C GLY A 22 -16.42 -25.82 -9.17
N VAL A 23 -16.77 -25.03 -8.11
CA VAL A 23 -17.21 -25.51 -6.79
C VAL A 23 -18.53 -26.30 -6.87
N LEU A 24 -19.42 -25.93 -7.82
CA LEU A 24 -20.69 -26.64 -8.06
C LEU A 24 -20.43 -28.10 -8.46
N GLY A 25 -19.33 -28.33 -9.19
CA GLY A 25 -18.89 -29.64 -9.64
C GLY A 25 -18.24 -30.45 -8.53
N ARG A 26 -17.32 -29.80 -7.77
CA ARG A 26 -16.60 -30.39 -6.63
C ARG A 26 -17.56 -30.91 -5.56
N THR A 27 -18.61 -30.13 -5.25
CA THR A 27 -19.64 -30.47 -4.26
C THR A 27 -20.39 -31.75 -4.67
N GLU A 28 -20.74 -31.89 -5.97
CA GLU A 28 -21.40 -33.09 -6.52
C GLU A 28 -20.47 -34.31 -6.31
N GLU A 29 -19.16 -34.13 -6.64
CA GLU A 29 -18.10 -35.14 -6.53
C GLU A 29 -17.80 -35.54 -5.09
N ALA A 30 -17.93 -34.59 -4.14
CA ALA A 30 -17.71 -34.84 -2.72
C ALA A 30 -18.94 -35.49 -2.08
N LEU A 31 -20.15 -35.02 -2.43
CA LEU A 31 -21.40 -35.53 -1.89
C LEU A 31 -21.98 -36.72 -2.66
N ALA A 32 -21.22 -37.26 -3.66
CA ALA A 32 -21.59 -38.37 -4.54
C ALA A 32 -23.01 -38.19 -5.12
N LEU A 33 -23.27 -36.98 -5.64
CA LEU A 33 -24.54 -36.60 -6.26
C LEU A 33 -24.45 -36.80 -7.77
N PRO A 34 -25.56 -37.20 -8.46
CA PRO A 34 -25.51 -37.36 -9.93
C PRO A 34 -24.83 -36.19 -10.63
N ARG A 35 -23.78 -36.49 -11.41
CA ARG A 35 -22.96 -35.51 -12.14
C ARG A 35 -23.78 -34.40 -12.81
N GLY A 36 -23.43 -33.16 -12.49
CA GLY A 36 -24.09 -31.97 -13.03
C GLY A 36 -25.32 -31.47 -12.31
N LEU A 37 -25.86 -32.25 -11.33
CA LEU A 37 -27.07 -31.92 -10.54
C LEU A 37 -27.14 -30.43 -10.15
N LEU A 38 -26.09 -29.93 -9.48
CA LEU A 38 -25.99 -28.57 -8.99
C LEU A 38 -25.81 -27.54 -10.11
N ASN A 39 -25.16 -27.95 -11.23
CA ASN A 39 -24.96 -27.07 -12.38
C ASN A 39 -26.22 -26.98 -13.24
N ASP A 40 -27.09 -28.01 -13.17
CA ASP A 40 -28.36 -28.04 -13.87
C ASP A 40 -29.34 -27.10 -13.13
N ALA A 41 -29.28 -27.12 -11.79
CA ALA A 41 -30.09 -26.27 -10.91
C ALA A 41 -29.65 -24.81 -11.04
N PHE A 42 -28.34 -24.58 -11.27
CA PHE A 42 -27.73 -23.26 -11.43
C PHE A 42 -28.23 -22.51 -12.65
N GLN A 43 -28.03 -23.08 -13.85
CA GLN A 43 -28.44 -22.44 -15.10
C GLN A 43 -29.90 -22.72 -15.55
N LYS A 44 -30.74 -23.22 -14.62
CA LYS A 44 -32.15 -23.55 -14.87
C LYS A 44 -32.97 -22.33 -15.29
N GLY A 45 -33.68 -22.47 -16.40
CA GLY A 45 -34.53 -21.42 -16.97
C GLY A 45 -33.82 -20.52 -17.97
N GLY A 46 -32.50 -20.69 -18.09
CA GLY A 46 -31.64 -19.92 -18.99
C GLY A 46 -31.78 -18.42 -18.81
N PRO A 47 -32.07 -17.64 -19.89
CA PRO A 47 -32.24 -16.18 -19.76
C PRO A 47 -33.48 -15.71 -18.98
N GLU A 48 -34.40 -16.63 -18.68
CA GLU A 48 -35.64 -16.38 -17.95
C GLU A 48 -35.52 -16.88 -16.49
N GLY A 49 -34.39 -17.52 -16.19
CA GLY A 49 -34.11 -18.12 -14.88
C GLY A 49 -33.55 -17.19 -13.83
N ALA A 50 -33.64 -17.66 -12.56
CA ALA A 50 -33.19 -16.97 -11.34
C ALA A 50 -31.75 -16.46 -11.40
N THR A 51 -30.83 -17.24 -12.01
CA THR A 51 -29.43 -16.87 -12.13
C THR A 51 -29.23 -15.67 -13.06
N THR A 52 -29.99 -15.61 -14.17
CA THR A 52 -29.91 -14.47 -15.10
C THR A 52 -30.45 -13.21 -14.43
N ARG A 53 -31.55 -13.35 -13.66
CA ARG A 53 -32.16 -12.24 -12.92
C ARG A 53 -31.16 -11.70 -11.89
N LEU A 54 -30.39 -12.61 -11.28
CA LEU A 54 -29.36 -12.29 -10.31
C LEU A 54 -28.20 -11.55 -11.00
N MET A 55 -27.73 -12.06 -12.16
CA MET A 55 -26.61 -11.49 -12.91
C MET A 55 -26.94 -10.15 -13.58
N LYS A 56 -28.23 -9.86 -13.81
CA LYS A 56 -28.68 -8.61 -14.42
C LYS A 56 -28.98 -7.53 -13.36
N GLY A 57 -28.99 -7.96 -12.10
CA GLY A 57 -29.26 -7.09 -10.96
C GLY A 57 -30.73 -6.93 -10.63
N GLU A 58 -31.59 -7.81 -11.17
CA GLU A 58 -33.03 -7.82 -10.91
C GLU A 58 -33.28 -8.27 -9.47
N ILE A 59 -32.42 -9.18 -8.96
CA ILE A 59 -32.47 -9.71 -7.60
C ILE A 59 -31.08 -9.82 -6.95
N THR A 60 -31.05 -9.71 -5.61
CA THR A 60 -29.84 -9.82 -4.80
C THR A 60 -29.50 -11.31 -4.56
N LEU A 61 -28.26 -11.58 -4.05
CA LEU A 61 -27.81 -12.94 -3.75
C LEU A 61 -28.67 -13.66 -2.71
N SER A 62 -29.04 -12.97 -1.61
CA SER A 62 -29.89 -13.53 -0.55
C SER A 62 -31.32 -13.83 -1.01
N GLN A 63 -31.79 -13.15 -2.08
CA GLN A 63 -33.12 -13.38 -2.68
C GLN A 63 -33.09 -14.66 -3.55
N TRP A 64 -31.95 -14.89 -4.21
CA TRP A 64 -31.66 -15.99 -5.12
C TRP A 64 -31.47 -17.33 -4.40
N ILE A 65 -30.78 -17.34 -3.23
CA ILE A 65 -30.51 -18.53 -2.40
C ILE A 65 -31.72 -19.50 -2.32
N PRO A 66 -32.96 -19.08 -1.93
CA PRO A 66 -34.09 -20.03 -1.91
C PRO A 66 -34.47 -20.49 -3.32
N LEU A 67 -34.52 -19.55 -4.30
CA LEU A 67 -34.85 -19.79 -5.70
C LEU A 67 -33.92 -20.82 -6.39
N MET A 68 -32.75 -21.08 -5.79
CA MET A 68 -31.74 -22.05 -6.20
C MET A 68 -31.99 -23.38 -5.46
N GLU A 69 -32.35 -23.33 -4.16
CA GLU A 69 -32.65 -24.50 -3.32
C GLU A 69 -33.86 -25.27 -3.87
N GLU A 70 -34.90 -24.54 -4.33
CA GLU A 70 -36.07 -25.16 -4.94
C GLU A 70 -35.77 -25.62 -6.38
N ASN A 71 -34.73 -25.05 -7.02
CA ASN A 71 -34.26 -25.47 -8.34
C ASN A 71 -33.41 -26.74 -8.19
N CYS A 72 -32.92 -27.02 -6.96
CA CYS A 72 -32.16 -28.21 -6.55
C CYS A 72 -33.16 -29.30 -6.17
N ARG A 73 -34.41 -28.90 -5.85
CA ARG A 73 -35.52 -29.79 -5.51
C ARG A 73 -36.15 -30.29 -6.82
N LYS A 74 -36.26 -29.41 -7.85
CA LYS A 74 -36.81 -29.73 -9.17
C LYS A 74 -35.87 -30.63 -9.99
N CYS A 75 -34.54 -30.39 -9.90
CA CYS A 75 -33.49 -31.14 -10.60
C CYS A 75 -33.27 -32.56 -10.04
N SER A 76 -33.62 -32.77 -8.75
CA SER A 76 -33.51 -34.06 -8.08
C SER A 76 -34.71 -34.98 -8.35
N GLU A 77 -35.89 -34.39 -8.70
CA GLU A 77 -37.12 -35.12 -9.04
C GLU A 77 -36.96 -35.86 -10.36
N THR A 78 -36.18 -35.27 -11.30
CA THR A 78 -35.84 -35.81 -12.60
C THR A 78 -34.77 -36.91 -12.48
N ALA A 79 -33.91 -36.81 -11.43
CA ALA A 79 -32.84 -37.78 -11.12
C ALA A 79 -33.31 -38.85 -10.14
N LYS A 80 -34.52 -38.66 -9.53
CA LYS A 80 -35.21 -39.55 -8.56
C LYS A 80 -34.61 -39.62 -7.13
N VAL A 81 -33.30 -39.33 -6.97
CA VAL A 81 -32.57 -39.34 -5.69
C VAL A 81 -32.95 -38.12 -4.83
N CYS A 82 -32.75 -38.23 -3.50
CA CYS A 82 -33.01 -37.14 -2.55
C CYS A 82 -31.72 -36.58 -1.95
N LEU A 83 -31.74 -35.28 -1.60
CA LEU A 83 -30.60 -34.54 -1.05
C LEU A 83 -30.36 -34.75 0.46
N PRO A 84 -29.10 -34.55 0.95
CA PRO A 84 -28.83 -34.77 2.39
C PRO A 84 -29.48 -33.78 3.37
N LYS A 85 -29.33 -34.06 4.69
CA LYS A 85 -29.86 -33.27 5.81
C LYS A 85 -29.08 -31.97 6.06
N ASN A 86 -27.73 -32.05 6.11
CA ASN A 86 -26.84 -30.90 6.34
C ASN A 86 -26.47 -30.16 5.04
N PHE A 87 -27.44 -30.06 4.11
CA PHE A 87 -27.27 -29.39 2.83
C PHE A 87 -27.74 -27.94 2.90
N SER A 88 -26.84 -27.02 2.51
CA SER A 88 -27.12 -25.59 2.47
C SER A 88 -26.42 -24.96 1.28
N ILE A 89 -27.20 -24.34 0.38
CA ILE A 89 -26.72 -23.64 -0.81
C ILE A 89 -25.88 -22.44 -0.36
N LYS A 90 -26.33 -21.74 0.70
CA LYS A 90 -25.62 -20.61 1.30
C LYS A 90 -24.23 -21.07 1.74
N GLU A 91 -24.15 -22.20 2.49
CA GLU A 91 -22.91 -22.78 3.01
C GLU A 91 -21.89 -23.09 1.91
N ILE A 92 -22.36 -23.65 0.77
CA ILE A 92 -21.50 -24.00 -0.36
C ILE A 92 -20.91 -22.73 -0.98
N PHE A 93 -21.78 -21.73 -1.26
CA PHE A 93 -21.36 -20.47 -1.85
C PHE A 93 -20.48 -19.62 -0.94
N ASP A 94 -20.74 -19.64 0.39
CA ASP A 94 -19.94 -18.93 1.37
C ASP A 94 -18.46 -19.36 1.32
N LYS A 95 -18.19 -20.69 1.37
CA LYS A 95 -16.83 -21.25 1.28
C LYS A 95 -16.24 -20.99 -0.11
N ALA A 96 -17.06 -21.14 -1.18
CA ALA A 96 -16.68 -20.93 -2.57
C ALA A 96 -16.14 -19.51 -2.78
N ILE A 97 -16.90 -18.48 -2.33
CA ILE A 97 -16.53 -17.06 -2.42
C ILE A 97 -15.29 -16.79 -1.56
N SER A 98 -15.26 -17.34 -0.33
CA SER A 98 -14.17 -17.21 0.65
C SER A 98 -12.84 -17.75 0.15
N ALA A 99 -12.83 -18.98 -0.40
CA ALA A 99 -11.63 -19.64 -0.93
C ALA A 99 -11.10 -18.96 -2.18
N ARG A 100 -11.96 -18.23 -2.91
CA ARG A 100 -11.56 -17.51 -4.12
C ARG A 100 -10.66 -16.33 -3.73
N LYS A 101 -9.41 -16.38 -4.19
CA LYS A 101 -8.38 -15.38 -3.93
C LYS A 101 -7.87 -14.83 -5.26
N ILE A 102 -7.21 -13.66 -5.24
CA ILE A 102 -6.65 -13.03 -6.43
C ILE A 102 -5.62 -13.95 -7.08
N ASN A 103 -5.66 -14.02 -8.41
CA ASN A 103 -4.69 -14.76 -9.21
C ASN A 103 -3.56 -13.76 -9.44
N ARG A 104 -2.61 -13.71 -8.50
CA ARG A 104 -1.44 -12.81 -8.51
C ARG A 104 -0.69 -12.71 -9.84
N PRO A 105 -0.36 -13.82 -10.58
CA PRO A 105 0.32 -13.64 -11.87
C PRO A 105 -0.52 -12.91 -12.91
N MET A 106 -1.85 -13.15 -12.92
CA MET A 106 -2.75 -12.49 -13.87
C MET A 106 -2.82 -10.95 -13.61
N LEU A 107 -2.82 -10.56 -12.31
CA LEU A 107 -2.82 -9.15 -11.90
C LEU A 107 -1.52 -8.50 -12.27
N GLN A 108 -0.40 -9.21 -12.08
CA GLN A 108 0.95 -8.73 -12.41
C GLN A 108 1.03 -8.40 -13.92
N ALA A 109 0.50 -9.29 -14.77
CA ALA A 109 0.42 -9.10 -16.21
C ALA A 109 -0.45 -7.87 -16.58
N ALA A 110 -1.61 -7.71 -15.90
CA ALA A 110 -2.52 -6.57 -16.09
C ALA A 110 -1.81 -5.30 -15.68
N LEU A 111 -1.10 -5.35 -14.54
CA LEU A 111 -0.28 -4.26 -14.02
C LEU A 111 0.78 -3.86 -15.04
N MET A 112 1.51 -4.86 -15.60
CA MET A 112 2.57 -4.62 -16.59
C MET A 112 2.02 -4.00 -17.90
N LEU A 113 0.87 -4.50 -18.39
CA LEU A 113 0.24 -3.95 -19.59
C LEU A 113 -0.15 -2.50 -19.38
N ARG A 114 -0.75 -2.15 -18.23
CA ARG A 114 -1.16 -0.79 -17.90
C ARG A 114 0.02 0.18 -17.80
N LYS A 115 1.17 -0.30 -17.26
CA LYS A 115 2.40 0.51 -17.13
C LYS A 115 2.99 0.79 -18.51
N LYS A 116 2.71 -0.10 -19.48
CA LYS A 116 3.16 0.04 -20.87
C LYS A 116 2.14 0.85 -21.72
N GLY A 117 1.22 1.54 -21.07
CA GLY A 117 0.24 2.41 -21.71
C GLY A 117 -1.00 1.75 -22.24
N PHE A 118 -1.38 0.60 -21.67
CA PHE A 118 -2.60 -0.09 -22.07
C PHE A 118 -3.74 0.38 -21.19
N THR A 119 -4.95 0.36 -21.76
CA THR A 119 -6.18 0.71 -21.06
C THR A 119 -6.70 -0.65 -20.61
N THR A 120 -6.72 -0.90 -19.29
CA THR A 120 -7.14 -2.18 -18.74
C THR A 120 -8.54 -2.15 -18.15
N ALA A 121 -9.26 -3.28 -18.25
CA ALA A 121 -10.61 -3.35 -17.70
C ALA A 121 -11.01 -4.74 -17.25
N ILE A 122 -11.88 -4.82 -16.22
CA ILE A 122 -12.46 -6.06 -15.73
C ILE A 122 -13.90 -6.12 -16.24
N LEU A 123 -14.26 -7.27 -16.85
CA LEU A 123 -15.61 -7.50 -17.31
C LEU A 123 -16.09 -8.81 -16.69
N THR A 124 -17.03 -8.70 -15.75
CA THR A 124 -17.53 -9.84 -15.00
C THR A 124 -19.05 -9.93 -14.90
N ASN A 125 -19.53 -11.18 -14.81
CA ASN A 125 -20.91 -11.54 -14.56
C ASN A 125 -20.94 -11.75 -13.08
N THR A 126 -21.52 -10.78 -12.36
CA THR A 126 -21.60 -10.82 -10.91
C THR A 126 -22.98 -10.47 -10.44
N TRP A 127 -23.18 -10.49 -9.13
CA TRP A 127 -24.45 -10.27 -8.47
C TRP A 127 -24.33 -9.15 -7.44
N LEU A 128 -25.46 -8.75 -6.84
CA LEU A 128 -25.49 -7.77 -5.76
C LEU A 128 -25.44 -8.61 -4.51
N ASP A 129 -24.28 -8.61 -3.83
CA ASP A 129 -24.05 -9.44 -2.65
C ASP A 129 -24.54 -8.80 -1.39
N ASP A 130 -25.57 -9.42 -0.74
CA ASP A 130 -26.17 -8.91 0.51
C ASP A 130 -26.09 -9.90 1.67
N ARG A 131 -25.15 -10.87 1.58
CA ARG A 131 -24.92 -11.87 2.63
C ARG A 131 -24.29 -11.18 3.83
N ALA A 132 -24.34 -11.80 5.02
CA ALA A 132 -23.71 -11.23 6.20
C ALA A 132 -22.18 -11.16 6.01
N GLU A 133 -21.64 -12.06 5.15
CA GLU A 133 -20.21 -12.20 4.89
C GLU A 133 -19.74 -11.63 3.54
N ARG A 134 -20.51 -10.65 3.01
CA ARG A 134 -20.29 -9.94 1.75
C ARG A 134 -19.00 -9.10 1.72
N ASP A 135 -18.51 -8.70 2.90
CA ASP A 135 -17.32 -7.87 3.03
C ASP A 135 -16.05 -8.48 2.45
N GLY A 136 -15.82 -9.77 2.69
CA GLY A 136 -14.67 -10.49 2.16
C GLY A 136 -14.49 -10.25 0.67
N LEU A 137 -15.61 -10.35 -0.07
CA LEU A 137 -15.72 -10.11 -1.51
C LEU A 137 -15.59 -8.60 -1.84
N ALA A 138 -16.17 -7.71 -1.00
CA ALA A 138 -16.08 -6.25 -1.18
C ALA A 138 -14.62 -5.83 -1.07
N GLN A 139 -13.88 -6.43 -0.10
CA GLN A 139 -12.45 -6.25 0.15
C GLN A 139 -11.63 -6.69 -1.08
N LEU A 140 -11.99 -7.86 -1.65
CA LEU A 140 -11.35 -8.47 -2.83
C LEU A 140 -11.51 -7.54 -4.02
N MET A 141 -12.77 -7.11 -4.28
CA MET A 141 -13.09 -6.18 -5.38
C MET A 141 -12.38 -4.85 -5.24
N CYS A 142 -12.22 -4.37 -3.99
CA CYS A 142 -11.50 -3.15 -3.69
C CYS A 142 -10.05 -3.23 -4.13
N GLU A 143 -9.36 -4.32 -3.75
CA GLU A 143 -7.97 -4.58 -4.09
C GLU A 143 -7.74 -4.62 -5.59
N LEU A 144 -8.55 -5.43 -6.31
CA LEU A 144 -8.45 -5.56 -7.77
C LEU A 144 -8.72 -4.29 -8.54
N LYS A 145 -9.92 -3.67 -8.32
CA LYS A 145 -10.38 -2.48 -9.04
C LYS A 145 -9.39 -1.32 -9.18
N MET A 146 -8.65 -0.96 -8.10
CA MET A 146 -7.67 0.14 -8.12
C MET A 146 -6.61 0.02 -9.24
N HIS A 147 -6.32 -1.21 -9.66
CA HIS A 147 -5.33 -1.57 -10.67
C HIS A 147 -5.80 -1.51 -12.12
N PHE A 148 -7.09 -1.22 -12.33
CA PHE A 148 -7.74 -1.19 -13.65
C PHE A 148 -8.38 0.16 -13.96
N ASP A 149 -8.50 0.47 -15.26
CA ASP A 149 -9.14 1.71 -15.71
C ASP A 149 -10.65 1.62 -15.54
N PHE A 150 -11.22 0.43 -15.77
CA PHE A 150 -12.66 0.23 -15.68
C PHE A 150 -13.05 -1.09 -15.06
N LEU A 151 -14.24 -1.12 -14.45
CA LEU A 151 -14.84 -2.31 -13.86
C LEU A 151 -16.29 -2.33 -14.31
N ILE A 152 -16.61 -3.26 -15.20
CA ILE A 152 -17.95 -3.47 -15.72
C ILE A 152 -18.51 -4.73 -15.07
N GLU A 153 -19.49 -4.53 -14.16
CA GLU A 153 -20.20 -5.57 -13.42
C GLU A 153 -21.57 -5.69 -14.09
N SER A 154 -21.95 -6.91 -14.48
CA SER A 154 -23.21 -7.23 -15.15
C SER A 154 -24.44 -6.70 -14.38
N CYS A 155 -24.50 -6.95 -13.07
CA CYS A 155 -25.58 -6.54 -12.19
C CYS A 155 -25.72 -5.01 -12.05
N GLN A 156 -24.71 -4.27 -12.52
CA GLN A 156 -24.74 -2.81 -12.49
C GLN A 156 -25.22 -2.29 -13.86
N VAL A 157 -24.65 -2.85 -14.95
CA VAL A 157 -24.98 -2.47 -16.32
C VAL A 157 -26.31 -3.06 -16.85
N GLY A 158 -26.86 -4.04 -16.12
CA GLY A 158 -28.13 -4.68 -16.47
C GLY A 158 -28.07 -5.62 -17.65
N MET A 159 -26.90 -5.69 -18.30
CA MET A 159 -26.60 -6.57 -19.44
C MET A 159 -25.80 -7.73 -18.86
N VAL A 160 -25.58 -8.80 -19.64
CA VAL A 160 -24.85 -9.98 -19.17
C VAL A 160 -24.06 -10.68 -20.30
N LYS A 161 -23.09 -11.53 -19.93
CA LYS A 161 -22.34 -12.31 -20.91
C LYS A 161 -23.14 -13.61 -21.08
N PRO A 162 -23.38 -14.13 -22.30
CA PRO A 162 -22.83 -13.73 -23.60
C PRO A 162 -23.66 -12.80 -24.51
N GLU A 163 -24.59 -11.99 -23.95
CA GLU A 163 -25.42 -11.06 -24.75
C GLU A 163 -24.50 -10.05 -25.46
N PRO A 164 -24.65 -9.80 -26.78
CA PRO A 164 -23.73 -8.88 -27.48
C PRO A 164 -23.76 -7.40 -27.07
N GLN A 165 -24.80 -6.99 -26.32
CA GLN A 165 -25.00 -5.62 -25.83
C GLN A 165 -23.88 -5.19 -24.86
N ILE A 166 -23.47 -6.09 -23.95
CA ILE A 166 -22.38 -5.82 -23.00
C ILE A 166 -21.03 -5.64 -23.74
N TYR A 167 -20.85 -6.31 -24.89
CA TYR A 167 -19.62 -6.25 -25.69
C TYR A 167 -19.51 -4.93 -26.42
N LYS A 168 -20.66 -4.39 -26.91
CA LYS A 168 -20.68 -3.07 -27.56
C LYS A 168 -20.55 -2.00 -26.47
N PHE A 169 -21.06 -2.30 -25.25
CA PHE A 169 -20.92 -1.41 -24.09
C PHE A 169 -19.44 -1.38 -23.66
N LEU A 170 -18.77 -2.55 -23.73
CA LEU A 170 -17.34 -2.66 -23.39
C LEU A 170 -16.52 -1.74 -24.32
N LEU A 171 -16.80 -1.79 -25.64
CA LEU A 171 -16.11 -0.98 -26.64
C LEU A 171 -16.32 0.52 -26.46
N ASP A 172 -17.57 0.92 -26.21
CA ASP A 172 -17.92 2.32 -25.98
C ASP A 172 -17.24 2.91 -24.75
N THR A 173 -17.09 2.08 -23.69
CA THR A 173 -16.41 2.45 -22.44
C THR A 173 -14.90 2.65 -22.71
N LEU A 174 -14.26 1.65 -23.36
CA LEU A 174 -12.83 1.66 -23.69
C LEU A 174 -12.45 2.71 -24.73
N LYS A 175 -13.44 3.18 -25.54
CA LYS A 175 -13.30 4.15 -26.64
C LYS A 175 -12.23 3.65 -27.63
N ALA A 176 -12.37 2.38 -28.05
CA ALA A 176 -11.43 1.70 -28.92
C ALA A 176 -12.08 0.73 -29.88
N SER A 177 -11.43 0.51 -31.04
CA SER A 177 -11.86 -0.42 -32.08
C SER A 177 -11.60 -1.82 -31.60
N PRO A 178 -12.56 -2.77 -31.80
CA PRO A 178 -12.34 -4.16 -31.35
C PRO A 178 -10.99 -4.80 -31.64
N SER A 179 -10.32 -4.43 -32.76
CA SER A 179 -9.01 -4.98 -33.11
C SER A 179 -7.88 -4.48 -32.19
N GLU A 180 -8.14 -3.39 -31.43
CA GLU A 180 -7.20 -2.82 -30.46
C GLU A 180 -7.44 -3.44 -29.05
N VAL A 181 -8.27 -4.52 -28.97
CA VAL A 181 -8.69 -5.15 -27.72
C VAL A 181 -8.39 -6.65 -27.56
N VAL A 182 -7.69 -7.00 -26.45
CA VAL A 182 -7.45 -8.37 -26.02
C VAL A 182 -8.49 -8.62 -24.94
N PHE A 183 -9.23 -9.71 -25.06
CA PHE A 183 -10.27 -10.12 -24.13
C PHE A 183 -9.86 -11.49 -23.60
N LEU A 184 -10.03 -11.74 -22.29
CA LEU A 184 -9.62 -13.00 -21.64
C LEU A 184 -10.75 -13.55 -20.78
N ASP A 185 -11.18 -14.79 -21.07
CA ASP A 185 -12.25 -15.46 -20.33
C ASP A 185 -11.98 -16.98 -20.25
N ASP A 186 -12.49 -17.61 -19.19
CA ASP A 186 -12.34 -19.05 -18.97
C ASP A 186 -13.51 -19.84 -19.58
N ILE A 187 -14.48 -19.11 -20.18
CA ILE A 187 -15.68 -19.68 -20.78
C ILE A 187 -15.73 -19.31 -22.26
N GLY A 188 -15.73 -20.35 -23.11
CA GLY A 188 -15.76 -20.23 -24.57
C GLY A 188 -16.97 -19.48 -25.07
N ALA A 189 -18.14 -19.76 -24.45
CA ALA A 189 -19.41 -19.10 -24.77
C ALA A 189 -19.30 -17.57 -24.59
N ASN A 190 -18.79 -17.13 -23.41
CA ASN A 190 -18.61 -15.71 -23.09
C ASN A 190 -17.42 -15.09 -23.87
N LEU A 191 -16.72 -15.93 -24.65
CA LEU A 191 -15.58 -15.53 -25.47
C LEU A 191 -15.98 -15.28 -26.92
N LYS A 192 -16.86 -16.13 -27.51
CA LYS A 192 -17.35 -16.03 -28.90
C LYS A 192 -17.84 -14.66 -29.38
N PRO A 193 -18.72 -13.89 -28.66
CA PRO A 193 -19.15 -12.59 -29.19
C PRO A 193 -18.01 -11.59 -29.37
N ALA A 194 -16.95 -11.67 -28.53
CA ALA A 194 -15.78 -10.78 -28.64
C ALA A 194 -15.01 -11.14 -29.89
N ARG A 195 -14.91 -12.46 -30.18
CA ARG A 195 -14.25 -13.01 -31.36
C ARG A 195 -14.95 -12.47 -32.64
N ASP A 196 -16.30 -12.62 -32.71
CA ASP A 196 -17.17 -12.16 -33.82
C ASP A 196 -17.06 -10.68 -34.13
N LEU A 197 -16.83 -9.84 -33.10
CA LEU A 197 -16.67 -8.39 -33.28
C LEU A 197 -15.27 -8.01 -33.80
N GLY A 198 -14.34 -8.96 -33.72
CA GLY A 198 -12.97 -8.78 -34.19
C GLY A 198 -11.96 -8.48 -33.10
N MET A 199 -12.22 -8.98 -31.88
CA MET A 199 -11.32 -8.79 -30.74
C MET A 199 -10.40 -9.99 -30.62
N VAL A 200 -9.19 -9.78 -30.05
CA VAL A 200 -8.26 -10.88 -29.77
C VAL A 200 -8.81 -11.56 -28.52
N THR A 201 -8.96 -12.88 -28.57
CA THR A 201 -9.51 -13.66 -27.47
C THR A 201 -8.50 -14.71 -26.99
N ILE A 202 -8.47 -14.91 -25.68
CA ILE A 202 -7.59 -15.87 -25.01
C ILE A 202 -8.42 -16.72 -24.05
N LEU A 203 -8.53 -18.04 -24.33
CA LEU A 203 -9.24 -18.94 -23.43
C LEU A 203 -8.32 -19.23 -22.27
N VAL A 204 -8.83 -19.10 -21.04
CA VAL A 204 -8.03 -19.30 -19.83
C VAL A 204 -8.38 -20.66 -19.22
N GLN A 205 -7.39 -21.56 -19.20
CA GLN A 205 -7.50 -22.91 -18.64
C GLN A 205 -6.45 -23.11 -17.55
N ASP A 206 -5.29 -22.46 -17.75
CA ASP A 206 -4.18 -22.39 -16.82
C ASP A 206 -3.52 -21.04 -17.09
N THR A 207 -3.16 -20.34 -16.02
CA THR A 207 -2.56 -19.01 -16.07
C THR A 207 -1.32 -18.92 -16.96
N ASP A 208 -0.38 -19.87 -16.86
CA ASP A 208 0.87 -19.89 -17.65
C ASP A 208 0.67 -19.83 -19.17
N THR A 209 -0.18 -20.72 -19.73
CA THR A 209 -0.50 -20.78 -21.17
C THR A 209 -1.24 -19.50 -21.58
N ALA A 210 -2.21 -19.06 -20.74
CA ALA A 210 -2.99 -17.85 -20.96
C ALA A 210 -2.07 -16.64 -21.04
N LEU A 211 -1.07 -16.56 -20.13
CA LEU A 211 -0.07 -15.49 -20.12
C LEU A 211 0.89 -15.54 -21.31
N LYS A 212 1.17 -16.76 -21.82
CA LYS A 212 2.04 -17.02 -22.98
C LYS A 212 1.35 -16.45 -24.20
N GLU A 213 0.05 -16.80 -24.40
CA GLU A 213 -0.83 -16.28 -25.46
C GLU A 213 -0.90 -14.75 -25.38
N LEU A 214 -1.00 -14.19 -24.14
CA LEU A 214 -1.02 -12.75 -23.92
C LEU A 214 0.26 -12.07 -24.29
N GLU A 215 1.42 -12.57 -23.80
CA GLU A 215 2.71 -11.96 -24.16
C GLU A 215 3.08 -12.15 -25.63
N LYS A 216 2.56 -13.23 -26.26
CA LYS A 216 2.74 -13.53 -27.67
C LYS A 216 2.08 -12.44 -28.53
N VAL A 217 0.80 -12.16 -28.24
CA VAL A 217 0.01 -11.17 -28.98
C VAL A 217 0.35 -9.71 -28.61
N THR A 218 0.67 -9.42 -27.34
CA THR A 218 0.98 -8.04 -26.94
C THR A 218 2.40 -7.58 -27.26
N GLY A 219 3.31 -8.53 -27.42
CA GLY A 219 4.73 -8.27 -27.67
C GLY A 219 5.45 -7.67 -26.47
N ILE A 220 4.90 -7.91 -25.25
CA ILE A 220 5.43 -7.43 -23.97
C ILE A 220 5.71 -8.62 -23.06
N GLN A 221 6.87 -8.65 -22.38
CA GLN A 221 7.27 -9.70 -21.44
C GLN A 221 6.34 -9.62 -20.21
N LEU A 222 5.57 -10.70 -19.96
CA LEU A 222 4.61 -10.76 -18.86
C LEU A 222 4.85 -11.93 -17.93
N LEU A 223 5.35 -13.02 -18.52
CA LEU A 223 5.67 -14.27 -17.82
C LEU A 223 7.16 -14.28 -17.53
N ASN A 224 7.54 -14.72 -16.32
CA ASN A 224 8.94 -14.83 -15.84
C ASN A 224 9.62 -13.51 -15.57
N THR A 225 8.87 -12.42 -15.74
CA THR A 225 9.32 -11.03 -15.55
C THR A 225 9.81 -10.76 -14.09
N PRO A 226 10.86 -9.90 -13.84
CA PRO A 226 11.29 -9.64 -12.46
C PRO A 226 10.19 -9.19 -11.48
N ALA A 227 10.44 -9.43 -10.18
CA ALA A 227 9.54 -9.12 -9.06
C ALA A 227 9.15 -7.63 -9.10
N PRO A 228 7.85 -7.29 -9.18
CA PRO A 228 7.48 -5.86 -9.28
C PRO A 228 7.56 -5.13 -7.94
N LEU A 229 7.69 -3.78 -8.01
CA LEU A 229 7.72 -2.92 -6.82
C LEU A 229 6.33 -2.96 -6.18
N PRO A 230 6.20 -2.75 -4.84
CA PRO A 230 4.85 -2.72 -4.23
C PRO A 230 4.05 -1.57 -4.82
N THR A 231 2.71 -1.62 -4.74
CA THR A 231 1.84 -0.53 -5.22
C THR A 231 2.22 0.79 -4.51
N SER A 232 2.35 1.87 -5.29
CA SER A 232 2.68 3.22 -4.83
C SER A 232 1.39 4.08 -4.66
N CYS A 233 1.54 5.38 -4.33
CA CYS A 233 0.43 6.32 -4.14
C CYS A 233 0.46 7.38 -5.21
N ASN A 234 -0.70 7.67 -5.81
CA ASN A 234 -0.81 8.84 -6.69
C ASN A 234 -1.35 9.93 -5.74
N PRO A 235 -0.53 10.98 -5.42
CA PRO A 235 -0.98 12.01 -4.45
C PRO A 235 -2.41 12.55 -4.56
N SER A 236 -2.86 12.81 -5.79
CA SER A 236 -4.19 13.35 -6.09
C SER A 236 -5.34 12.34 -5.87
N ASP A 237 -5.02 11.05 -5.78
CA ASP A 237 -6.02 9.99 -5.57
C ASP A 237 -6.14 9.62 -4.11
N MET A 238 -5.39 10.31 -3.24
CA MET A 238 -5.37 10.05 -1.80
C MET A 238 -6.38 10.92 -1.03
N SER A 239 -6.76 10.46 0.19
CA SER A 239 -7.59 11.23 1.12
C SER A 239 -6.62 12.03 1.97
N HIS A 240 -6.69 13.36 1.90
CA HIS A 240 -5.81 14.29 2.62
C HIS A 240 -6.54 14.84 3.82
N GLY A 241 -5.92 14.73 4.99
CA GLY A 241 -6.46 15.18 6.27
C GLY A 241 -5.69 16.34 6.86
N TYR A 242 -6.41 17.26 7.52
CA TYR A 242 -5.87 18.49 8.12
C TYR A 242 -6.39 18.69 9.55
N VAL A 243 -5.48 18.85 10.50
CA VAL A 243 -5.82 19.03 11.92
C VAL A 243 -5.00 20.19 12.47
N THR A 244 -5.69 21.17 13.06
CA THR A 244 -5.07 22.32 13.72
C THR A 244 -4.76 21.86 15.13
N VAL A 245 -3.46 21.71 15.43
CA VAL A 245 -2.99 21.24 16.74
C VAL A 245 -2.84 22.39 17.75
N LYS A 246 -2.75 23.63 17.25
CA LYS A 246 -2.66 24.87 18.02
C LYS A 246 -2.84 26.10 17.10
N PRO A 247 -3.17 27.31 17.64
CA PRO A 247 -3.44 28.48 16.76
C PRO A 247 -2.69 28.62 15.44
N ARG A 248 -1.35 28.61 15.49
CA ARG A 248 -0.57 28.78 14.27
C ARG A 248 -0.15 27.47 13.58
N VAL A 249 -0.30 26.32 14.28
CA VAL A 249 0.14 25.01 13.78
C VAL A 249 -0.96 24.08 13.29
N ARG A 250 -0.88 23.73 12.01
CA ARG A 250 -1.77 22.78 11.35
C ARG A 250 -0.91 21.59 10.88
N LEU A 251 -1.44 20.36 11.03
CA LEU A 251 -0.77 19.14 10.53
C LEU A 251 -1.57 18.48 9.43
N HIS A 252 -0.87 18.02 8.40
CA HIS A 252 -1.45 17.33 7.28
C HIS A 252 -0.98 15.88 7.28
N PHE A 253 -1.86 14.99 6.85
CA PHE A 253 -1.61 13.55 6.71
C PHE A 253 -2.42 13.05 5.54
N VAL A 254 -2.02 11.89 5.03
CA VAL A 254 -2.72 11.16 3.96
C VAL A 254 -3.20 9.91 4.69
N GLU A 255 -4.48 9.57 4.50
CA GLU A 255 -5.11 8.48 5.22
C GLU A 255 -5.66 7.38 4.32
N LEU A 256 -5.36 6.13 4.65
CA LEU A 256 -5.84 4.97 3.87
C LEU A 256 -6.03 3.72 4.74
N GLY A 257 -7.18 3.06 4.55
CA GLY A 257 -7.53 1.81 5.21
C GLY A 257 -8.35 1.94 6.47
N SER A 258 -8.82 0.77 6.94
CA SER A 258 -9.60 0.58 8.18
C SER A 258 -8.83 -0.35 9.10
N GLY A 259 -9.08 -0.22 10.40
CA GLY A 259 -8.43 -1.04 11.43
C GLY A 259 -7.63 -0.22 12.41
N PRO A 260 -6.68 -0.85 13.14
CA PRO A 260 -5.88 -0.09 14.11
C PRO A 260 -5.10 1.02 13.44
N ALA A 261 -5.07 2.19 14.09
CA ALA A 261 -4.41 3.38 13.58
C ALA A 261 -2.90 3.21 13.57
N VAL A 262 -2.29 3.39 12.38
CA VAL A 262 -0.85 3.28 12.20
C VAL A 262 -0.35 4.65 11.73
N CYS A 263 0.36 5.34 12.63
CA CYS A 263 0.89 6.67 12.34
C CYS A 263 2.36 6.64 11.85
N LEU A 264 2.56 6.96 10.56
CA LEU A 264 3.87 6.95 9.89
C LEU A 264 4.57 8.30 9.95
N CYS A 265 5.76 8.32 10.55
CA CYS A 265 6.57 9.53 10.74
C CYS A 265 7.88 9.52 9.92
N HIS A 266 7.93 10.33 8.85
CA HIS A 266 9.07 10.47 7.94
C HIS A 266 10.28 11.16 8.60
N GLY A 267 11.42 11.14 7.91
CA GLY A 267 12.64 11.79 8.37
C GLY A 267 12.99 13.06 7.62
N PHE A 268 14.23 13.54 7.82
CA PHE A 268 14.78 14.74 7.19
C PHE A 268 15.56 14.43 5.90
N PRO A 269 15.32 15.10 4.75
CA PRO A 269 14.31 16.14 4.42
C PRO A 269 13.22 15.46 3.60
N GLU A 270 12.19 14.94 4.26
CA GLU A 270 11.21 14.10 3.58
C GLU A 270 9.77 14.61 3.41
N SER A 271 8.80 13.67 3.37
CA SER A 271 7.38 13.90 3.11
C SER A 271 6.58 12.67 3.52
N TRP A 272 5.24 12.79 3.57
CA TRP A 272 4.35 11.64 3.78
C TRP A 272 4.60 10.66 2.63
N TYR A 273 5.05 11.18 1.46
CA TYR A 273 5.33 10.49 0.20
C TYR A 273 6.48 9.51 0.31
N SER A 274 7.34 9.66 1.32
CA SER A 274 8.45 8.74 1.58
C SER A 274 7.91 7.37 1.99
N TRP A 275 6.61 7.27 2.33
CA TRP A 275 5.92 6.03 2.71
C TRP A 275 5.02 5.53 1.56
N ARG A 276 5.18 6.10 0.33
CA ARG A 276 4.39 5.73 -0.84
C ARG A 276 4.17 4.23 -1.08
N TYR A 277 5.19 3.37 -0.89
CA TYR A 277 5.07 1.92 -1.07
C TYR A 277 4.51 1.16 0.19
N GLN A 278 4.58 1.80 1.39
CA GLN A 278 4.06 1.21 2.64
C GLN A 278 2.55 1.45 2.79
N ILE A 279 2.06 2.67 2.45
CA ILE A 279 0.65 3.07 2.59
C ILE A 279 -0.33 2.06 2.00
N PRO A 280 -0.29 1.72 0.70
CA PRO A 280 -1.27 0.73 0.18
C PRO A 280 -1.11 -0.66 0.80
N ALA A 281 0.14 -1.11 1.01
CA ALA A 281 0.47 -2.40 1.60
C ALA A 281 -0.10 -2.56 3.01
N LEU A 282 0.23 -1.61 3.93
CA LEU A 282 -0.24 -1.62 5.32
C LEU A 282 -1.75 -1.52 5.41
N ALA A 283 -2.38 -0.73 4.50
CA ALA A 283 -3.84 -0.62 4.50
C ALA A 283 -4.44 -1.95 4.07
N GLN A 284 -3.81 -2.63 3.09
CA GLN A 284 -4.26 -3.95 2.61
C GLN A 284 -4.16 -5.01 3.71
N ALA A 285 -3.16 -4.87 4.63
CA ALA A 285 -2.95 -5.75 5.80
C ALA A 285 -3.98 -5.55 6.95
N GLY A 286 -4.96 -4.66 6.77
CA GLY A 286 -6.01 -4.38 7.74
C GLY A 286 -5.65 -3.33 8.78
N TYR A 287 -5.00 -2.23 8.31
CA TYR A 287 -4.60 -1.12 9.18
C TYR A 287 -5.08 0.21 8.60
N ARG A 288 -5.29 1.20 9.50
CA ARG A 288 -5.69 2.57 9.14
C ARG A 288 -4.41 3.37 9.12
N VAL A 289 -3.87 3.58 7.92
CA VAL A 289 -2.62 4.29 7.74
C VAL A 289 -2.85 5.79 7.78
N LEU A 290 -2.05 6.49 8.58
CA LEU A 290 -2.04 7.95 8.71
C LEU A 290 -0.62 8.35 8.47
N ALA A 291 -0.29 8.68 7.20
CA ALA A 291 1.08 9.07 6.79
C ALA A 291 1.25 10.55 6.98
N MET A 292 2.06 10.96 7.95
CA MET A 292 2.25 12.38 8.28
C MET A 292 3.12 13.18 7.38
N ASP A 293 2.86 14.50 7.36
CA ASP A 293 3.73 15.57 6.85
C ASP A 293 4.16 16.14 8.20
N MET A 294 5.40 15.88 8.63
CA MET A 294 5.87 16.35 9.94
C MET A 294 5.96 17.89 9.96
N LYS A 295 5.92 18.50 11.15
CA LYS A 295 6.02 19.93 11.35
C LYS A 295 7.20 20.50 10.53
N GLY A 296 6.89 21.47 9.68
CA GLY A 296 7.88 22.11 8.82
C GLY A 296 7.88 21.58 7.40
N TYR A 297 7.12 20.49 7.15
CA TYR A 297 7.10 19.83 5.85
C TYR A 297 5.80 19.90 5.11
N GLY A 298 5.89 19.90 3.79
CA GLY A 298 4.78 19.92 2.85
C GLY A 298 3.66 20.85 3.22
N GLU A 299 2.44 20.27 3.27
CA GLU A 299 1.18 20.92 3.60
C GLU A 299 0.97 21.18 5.08
N SER A 300 1.98 20.89 5.93
CA SER A 300 1.90 21.15 7.37
C SER A 300 2.45 22.51 7.62
N SER A 301 2.14 23.09 8.78
CA SER A 301 2.61 24.41 9.13
C SER A 301 4.10 24.39 9.38
N ALA A 302 4.79 25.45 8.96
CA ALA A 302 6.22 25.59 9.14
C ALA A 302 6.57 26.85 9.91
N PRO A 303 6.32 26.91 11.25
CA PRO A 303 6.69 28.11 12.02
C PRO A 303 8.18 28.40 11.94
N PRO A 304 8.61 29.68 11.95
CA PRO A 304 10.05 29.97 11.78
C PRO A 304 10.92 29.71 13.00
N GLU A 305 10.38 29.88 14.22
CA GLU A 305 11.12 29.78 15.48
C GLU A 305 11.72 28.40 15.72
N ILE A 306 13.00 28.36 16.16
CA ILE A 306 13.74 27.12 16.44
C ILE A 306 13.07 26.25 17.53
N GLU A 307 12.72 26.86 18.68
CA GLU A 307 12.08 26.23 19.85
C GLU A 307 10.78 25.50 19.50
N GLU A 308 10.20 25.80 18.33
CA GLU A 308 8.98 25.16 17.85
C GLU A 308 9.22 23.70 17.41
N TYR A 309 10.49 23.32 17.23
CA TYR A 309 10.87 22.01 16.72
C TYR A 309 11.63 21.12 17.71
N CYS A 310 11.61 21.46 19.00
CA CYS A 310 12.24 20.59 20.00
C CYS A 310 11.32 19.39 20.24
N MET A 311 11.90 18.25 20.70
CA MET A 311 11.13 17.01 20.89
C MET A 311 9.85 17.14 21.72
N GLU A 312 9.93 17.85 22.87
CA GLU A 312 8.80 18.12 23.76
C GLU A 312 7.61 18.76 23.03
N VAL A 313 7.82 19.84 22.25
CA VAL A 313 6.71 20.45 21.54
C VAL A 313 6.18 19.59 20.41
N LEU A 314 7.10 18.96 19.66
CA LEU A 314 6.75 18.07 18.55
C LEU A 314 5.89 16.89 19.04
N CYS A 315 6.29 16.26 20.15
CA CYS A 315 5.56 15.13 20.73
C CYS A 315 4.20 15.54 21.28
N LYS A 316 4.15 16.65 22.06
CA LYS A 316 2.93 17.23 22.65
C LYS A 316 1.94 17.55 21.54
N GLU A 317 2.46 17.98 20.37
CA GLU A 317 1.63 18.29 19.21
C GLU A 317 1.04 17.05 18.56
N MET A 318 1.78 15.91 18.58
CA MET A 318 1.34 14.62 18.03
C MET A 318 0.27 13.98 18.90
N VAL A 319 0.31 14.30 20.22
CA VAL A 319 -0.69 13.89 21.18
C VAL A 319 -2.01 14.67 20.89
N THR A 320 -1.92 16.01 20.66
CA THR A 320 -3.09 16.86 20.30
C THR A 320 -3.73 16.34 19.00
N PHE A 321 -2.89 15.89 18.03
CA PHE A 321 -3.32 15.27 16.77
C PHE A 321 -4.22 14.06 17.07
N LEU A 322 -3.79 13.17 18.00
CA LEU A 322 -4.59 12.02 18.42
C LEU A 322 -5.91 12.49 19.08
N ASP A 323 -5.79 13.46 20.00
CA ASP A 323 -6.87 14.10 20.74
C ASP A 323 -7.95 14.61 19.77
N LYS A 324 -7.58 15.44 18.77
CA LYS A 324 -8.52 16.04 17.84
C LYS A 324 -9.12 15.08 16.83
N LEU A 325 -8.41 13.97 16.55
CA LEU A 325 -8.89 12.94 15.64
C LEU A 325 -9.78 11.92 16.32
N GLY A 326 -9.84 11.94 17.65
CA GLY A 326 -10.61 10.99 18.49
C GLY A 326 -9.93 9.64 18.65
N LEU A 327 -8.58 9.61 18.69
CA LEU A 327 -7.78 8.39 18.78
C LEU A 327 -7.09 8.33 20.11
N SER A 328 -7.38 7.29 20.88
CA SER A 328 -6.78 7.13 22.21
C SER A 328 -5.36 6.61 22.07
N GLN A 329 -5.15 5.76 21.04
CA GLN A 329 -3.87 5.12 20.72
C GLN A 329 -3.65 5.01 19.21
N ALA A 330 -2.37 4.94 18.82
CA ALA A 330 -1.96 4.67 17.44
C ALA A 330 -0.63 3.98 17.51
N VAL A 331 -0.31 3.14 16.51
CA VAL A 331 1.02 2.55 16.46
C VAL A 331 1.88 3.55 15.72
N PHE A 332 3.01 3.93 16.33
CA PHE A 332 3.92 4.92 15.80
C PHE A 332 5.15 4.33 15.11
N ILE A 333 5.17 4.44 13.76
CA ILE A 333 6.28 3.96 12.93
C ILE A 333 7.02 5.17 12.43
N GLY A 334 8.27 5.29 12.83
CA GLY A 334 9.11 6.41 12.45
C GLY A 334 10.43 6.04 11.81
N HIS A 335 10.88 6.89 10.85
CA HIS A 335 12.15 6.77 10.13
C HIS A 335 12.94 8.04 10.34
N ASP A 336 14.26 7.90 10.54
CA ASP A 336 15.22 9.00 10.68
C ASP A 336 14.83 9.89 11.87
N TRP A 337 14.54 11.19 11.67
CA TRP A 337 14.09 12.08 12.74
C TRP A 337 12.71 11.63 13.29
N GLY A 338 11.92 10.98 12.42
CA GLY A 338 10.64 10.38 12.77
C GLY A 338 10.80 9.25 13.78
N GLY A 339 11.91 8.49 13.66
CA GLY A 339 12.26 7.40 14.55
C GLY A 339 12.56 7.88 15.95
N MET A 340 13.31 9.00 16.04
CA MET A 340 13.67 9.70 17.27
C MET A 340 12.41 10.12 18.02
N LEU A 341 11.49 10.82 17.30
CA LEU A 341 10.19 11.33 17.76
C LEU A 341 9.41 10.17 18.40
N VAL A 342 9.30 9.07 17.64
CA VAL A 342 8.64 7.81 17.94
C VAL A 342 9.18 7.14 19.23
N TRP A 343 10.51 7.18 19.48
CA TRP A 343 11.04 6.68 20.76
C TRP A 343 10.65 7.59 21.91
N TYR A 344 10.60 8.93 21.69
CA TYR A 344 10.17 9.88 22.74
C TYR A 344 8.69 9.79 23.06
N MET A 345 7.86 9.45 22.02
CA MET A 345 6.42 9.21 22.15
C MET A 345 6.21 8.01 23.08
N ALA A 346 7.02 6.96 22.93
CA ALA A 346 6.97 5.76 23.75
C ALA A 346 7.40 6.02 25.21
N LEU A 347 8.46 6.83 25.42
CA LEU A 347 8.98 7.18 26.75
C LEU A 347 8.20 8.22 27.51
N PHE A 348 7.38 9.02 26.82
CA PHE A 348 6.67 10.12 27.49
C PHE A 348 5.18 9.98 27.45
N TYR A 349 4.65 9.31 26.44
CA TYR A 349 3.22 9.07 26.30
C TYR A 349 2.95 7.60 25.96
N PRO A 350 3.40 6.61 26.79
CA PRO A 350 3.19 5.19 26.42
C PRO A 350 1.72 4.79 26.30
N GLU A 351 0.83 5.48 26.99
CA GLU A 351 -0.60 5.18 26.94
C GLU A 351 -1.23 5.56 25.60
N ARG A 352 -0.51 6.38 24.82
CA ARG A 352 -0.96 6.87 23.50
C ARG A 352 -0.39 6.06 22.36
N VAL A 353 0.59 5.22 22.67
CA VAL A 353 1.32 4.40 21.71
C VAL A 353 0.92 2.94 21.90
N ARG A 354 0.28 2.33 20.86
CA ARG A 354 -0.14 0.91 20.87
C ARG A 354 1.13 0.07 20.79
N ALA A 355 1.99 0.44 19.86
CA ALA A 355 3.27 -0.18 19.58
C ALA A 355 4.20 0.87 18.97
N VAL A 356 5.50 0.65 19.05
CA VAL A 356 6.49 1.59 18.53
C VAL A 356 7.46 0.88 17.59
N ALA A 357 7.69 1.43 16.39
CA ALA A 357 8.64 0.87 15.43
C ALA A 357 9.55 1.96 14.87
N SER A 358 10.84 1.67 14.76
CA SER A 358 11.82 2.57 14.18
C SER A 358 12.59 1.93 13.04
N LEU A 359 12.82 2.70 11.99
CA LEU A 359 13.63 2.32 10.84
C LEU A 359 14.90 3.15 10.96
N ASN A 360 16.05 2.44 11.06
CA ASN A 360 17.43 2.94 11.17
C ASN A 360 17.76 3.67 12.46
N THR A 361 16.82 4.46 12.98
CA THR A 361 17.04 5.27 14.19
C THR A 361 17.08 4.47 15.47
N PRO A 362 18.24 4.39 16.12
CA PRO A 362 18.30 3.66 17.38
C PRO A 362 17.80 4.51 18.56
N PHE A 363 17.50 3.84 19.67
CA PHE A 363 17.15 4.54 20.90
C PHE A 363 18.41 4.58 21.77
N ILE A 364 19.08 5.76 21.84
CA ILE A 364 20.32 5.95 22.61
C ILE A 364 20.04 6.86 23.81
N PRO A 365 20.03 6.35 25.06
CA PRO A 365 19.76 7.24 26.22
C PRO A 365 20.81 8.32 26.40
N ALA A 366 20.33 9.56 26.67
CA ALA A 366 21.15 10.76 26.83
C ALA A 366 22.18 10.62 27.95
N ASN A 367 23.38 11.21 27.72
CA ASN A 367 24.46 11.23 28.70
C ASN A 367 24.17 12.42 29.64
N PRO A 368 23.83 12.19 30.92
CA PRO A 368 23.52 13.32 31.80
C PRO A 368 24.71 14.21 32.17
N ASN A 369 25.94 13.67 31.99
CA ASN A 369 27.19 14.40 32.29
C ASN A 369 27.60 15.28 31.12
N MET A 370 27.88 14.65 29.97
CA MET A 370 28.31 15.30 28.75
C MET A 370 27.14 15.91 27.97
N SER A 371 27.33 17.15 27.46
CA SER A 371 26.34 17.86 26.64
C SER A 371 26.23 17.17 25.26
N PRO A 372 25.12 17.33 24.49
CA PRO A 372 25.05 16.65 23.18
C PRO A 372 25.94 17.28 22.10
N LEU A 373 26.40 18.54 22.33
CA LEU A 373 27.27 19.29 21.42
C LEU A 373 28.71 18.72 21.41
N GLU A 374 29.08 17.96 22.47
CA GLU A 374 30.36 17.26 22.64
C GLU A 374 30.25 15.83 22.05
N SER A 375 29.14 15.13 22.35
CA SER A 375 28.83 13.75 21.94
C SER A 375 28.69 13.62 20.43
N LYS A 377 30.64 15.48 18.61
CA LYS A 377 32.00 15.42 18.04
C LYS A 377 32.57 13.99 18.06
N ALA A 378 32.27 13.21 19.12
CA ALA A 378 32.73 11.83 19.29
C ALA A 378 32.12 10.88 18.27
N PHE A 382 29.32 13.06 11.84
CA PHE A 382 28.25 14.05 12.01
C PHE A 382 28.78 15.49 11.83
N ASP A 383 29.48 15.71 10.71
CA ASP A 383 30.01 17.02 10.36
C ASP A 383 28.87 17.94 9.89
N TYR A 384 27.90 17.36 9.15
CA TYR A 384 26.69 18.02 8.64
C TYR A 384 25.83 18.63 9.77
N GLN A 385 25.84 18.00 10.98
CA GLN A 385 25.12 18.47 12.16
C GLN A 385 25.53 19.90 12.50
N LEU A 386 26.86 20.14 12.55
CA LEU A 386 27.50 21.44 12.84
C LEU A 386 27.17 22.44 11.72
N TYR A 387 27.17 21.94 10.46
CA TYR A 387 26.84 22.73 9.28
C TYR A 387 25.38 23.22 9.29
N PHE A 388 24.51 22.52 10.04
CA PHE A 388 23.09 22.81 10.13
C PHE A 388 22.76 23.72 11.29
N GLN A 389 23.73 23.95 12.20
CA GLN A 389 23.52 24.75 13.40
C GLN A 389 23.26 26.22 13.15
N GLU A 390 23.95 26.82 12.17
CA GLU A 390 23.83 28.23 11.80
C GLU A 390 22.59 28.50 10.96
N PRO A 391 21.59 29.23 11.51
CA PRO A 391 20.39 29.50 10.72
C PRO A 391 20.68 30.32 9.45
N GLY A 392 20.23 29.78 8.31
CA GLY A 392 20.36 30.42 7.00
C GLY A 392 21.35 29.78 6.04
N VAL A 393 22.49 29.34 6.57
CA VAL A 393 23.57 28.74 5.77
C VAL A 393 23.10 27.54 4.92
N ALA A 394 22.75 26.40 5.58
CA ALA A 394 22.29 25.17 4.92
C ALA A 394 21.01 25.41 4.11
N GLU A 395 20.11 26.29 4.63
CA GLU A 395 18.87 26.66 3.95
C GLU A 395 19.19 27.14 2.53
N ALA A 396 20.07 28.15 2.41
CA ALA A 396 20.51 28.76 1.15
C ALA A 396 21.08 27.74 0.16
N GLU A 397 21.86 26.75 0.67
CA GLU A 397 22.45 25.72 -0.18
C GLU A 397 21.42 24.70 -0.65
N LEU A 398 20.60 24.18 0.27
CA LEU A 398 19.58 23.17 -0.03
C LEU A 398 18.42 23.71 -0.86
N GLU A 399 18.07 25.00 -0.70
CA GLU A 399 16.99 25.69 -1.43
C GLU A 399 17.45 26.26 -2.79
N GLN A 400 18.78 26.31 -3.04
CA GLN A 400 19.39 26.84 -4.27
C GLN A 400 18.85 26.17 -5.53
N ASN A 401 18.90 24.84 -5.58
CA ASN A 401 18.36 24.04 -6.67
C ASN A 401 17.75 22.79 -6.04
N LEU A 402 16.40 22.80 -5.92
CA LEU A 402 15.65 21.71 -5.28
C LEU A 402 15.80 20.37 -5.99
N SER A 403 15.73 20.37 -7.34
CA SER A 403 15.92 19.17 -8.16
C SER A 403 17.28 18.52 -7.85
N ARG A 404 18.35 19.36 -7.78
CA ARG A 404 19.71 18.94 -7.48
C ARG A 404 19.78 18.34 -6.06
N THR A 405 19.30 19.09 -5.05
CA THR A 405 19.26 18.69 -3.64
C THR A 405 18.76 17.24 -3.41
N PHE A 406 17.57 16.87 -3.97
CA PHE A 406 16.96 15.55 -3.80
C PHE A 406 17.59 14.48 -4.63
N LYS A 407 18.03 14.82 -5.86
CA LYS A 407 18.72 13.87 -6.73
C LYS A 407 20.09 13.48 -6.13
N SER A 408 20.77 14.44 -5.47
CA SER A 408 22.04 14.21 -4.76
C SER A 408 21.82 13.38 -3.50
N LEU A 409 20.75 13.69 -2.72
CA LEU A 409 20.44 13.01 -1.47
C LEU A 409 19.84 11.62 -1.67
N PHE A 410 18.70 11.54 -2.38
CA PHE A 410 17.95 10.31 -2.57
C PHE A 410 18.60 9.28 -3.49
N ARG A 411 19.58 8.53 -2.94
CA ARG A 411 20.27 7.48 -3.69
C ARG A 411 20.67 6.24 -2.88
N ALA A 412 20.72 5.07 -3.56
CA ALA A 412 21.09 3.76 -3.00
C ALA A 412 22.57 3.72 -2.56
N SER A 413 22.96 2.68 -1.79
CA SER A 413 24.33 2.49 -1.27
C SER A 413 25.40 2.37 -2.39
N ASP A 414 25.02 1.75 -3.53
CA ASP A 414 25.82 1.52 -4.74
C ASP A 414 25.80 2.75 -5.68
N GLU A 415 25.11 3.83 -5.29
CA GLU A 415 24.96 5.05 -6.09
C GLU A 415 25.57 6.27 -5.43
N SER A 416 25.96 6.16 -4.14
CA SER A 416 26.54 7.22 -3.29
C SER A 416 27.36 8.28 -4.02
N VAL A 417 26.88 9.53 -3.99
CA VAL A 417 27.54 10.67 -4.64
C VAL A 417 27.78 11.82 -3.63
N LEU A 418 27.08 11.74 -2.48
CA LEU A 418 27.11 12.71 -1.39
C LEU A 418 28.10 12.33 -0.29
N SER A 419 28.80 13.35 0.24
CA SER A 419 29.80 13.21 1.31
C SER A 419 29.28 13.90 2.58
N MET A 420 29.31 13.17 3.71
CA MET A 420 28.89 13.66 5.04
C MET A 420 30.12 14.13 5.83
N HIS A 421 31.31 13.65 5.42
CA HIS A 421 32.61 13.95 6.01
C HIS A 421 33.15 15.28 5.47
N LYS A 422 33.79 16.05 6.37
CA LYS A 422 34.46 17.34 6.11
C LYS A 422 33.64 18.34 5.26
N VAL A 423 32.33 18.45 5.58
CA VAL A 423 31.37 19.33 4.92
C VAL A 423 31.65 20.81 5.27
N CYS A 424 31.94 21.08 6.56
CA CYS A 424 32.22 22.41 7.12
C CYS A 424 33.51 23.07 6.60
N GLU A 425 34.65 22.31 6.57
CA GLU A 425 35.93 22.83 6.07
C GLU A 425 35.90 23.12 4.55
N ALA A 426 35.14 22.29 3.81
CA ALA A 426 34.92 22.43 2.37
C ALA A 426 33.85 23.49 2.08
N GLY A 427 33.03 23.76 3.10
CA GLY A 427 31.97 24.77 3.08
C GLY A 427 30.81 24.48 2.16
N GLY A 428 30.10 23.38 2.42
CA GLY A 428 28.94 22.96 1.64
C GLY A 428 28.72 21.47 1.58
N LEU A 429 27.44 21.07 1.54
CA LEU A 429 27.00 19.69 1.46
C LEU A 429 27.29 19.09 0.07
N PHE A 430 27.12 19.92 -1.00
CA PHE A 430 27.30 19.52 -2.40
C PHE A 430 28.54 20.11 -3.10
N VAL A 431 29.63 20.40 -2.31
CA VAL A 431 30.89 20.96 -2.81
C VAL A 431 31.53 20.12 -3.93
N ASN A 432 31.66 18.80 -3.69
CA ASN A 432 32.22 17.82 -4.62
C ASN A 432 31.08 17.00 -5.23
N SER A 433 30.05 17.71 -5.76
CA SER A 433 28.85 17.10 -6.35
C SER A 433 28.46 17.77 -7.67
N PRO A 434 27.99 16.99 -8.69
CA PRO A 434 27.59 17.60 -9.97
C PRO A 434 26.39 18.52 -9.89
N GLU A 435 26.30 19.49 -10.82
CA GLU A 435 25.18 20.42 -10.87
C GLU A 435 23.94 19.72 -11.40
N GLU A 436 24.13 18.74 -12.29
CA GLU A 436 23.09 17.93 -12.89
C GLU A 436 23.34 16.47 -12.49
N PRO A 437 22.91 16.03 -11.26
CA PRO A 437 23.16 14.63 -10.87
C PRO A 437 22.33 13.62 -11.65
N SER A 438 22.82 12.37 -11.72
CA SER A 438 22.14 11.28 -12.41
C SER A 438 20.88 10.86 -11.62
N LEU A 439 19.90 10.26 -12.31
CA LEU A 439 18.68 9.83 -11.65
C LEU A 439 18.92 8.46 -11.01
N SER A 440 18.74 8.39 -9.68
CA SER A 440 18.89 7.18 -8.87
C SER A 440 17.86 6.11 -9.29
N ARG A 441 18.21 4.82 -9.11
CA ARG A 441 17.39 3.64 -9.42
C ARG A 441 16.15 3.51 -8.51
N MET A 442 16.14 4.23 -7.37
CA MET A 442 15.06 4.23 -6.37
C MET A 442 13.94 5.21 -6.71
N VAL A 443 14.26 6.26 -7.48
CA VAL A 443 13.34 7.35 -7.80
C VAL A 443 13.13 7.59 -9.27
N THR A 444 11.93 8.07 -9.62
CA THR A 444 11.56 8.45 -10.97
C THR A 444 11.71 9.97 -11.01
N GLU A 445 11.83 10.57 -12.20
CA GLU A 445 11.93 12.02 -12.35
C GLU A 445 10.71 12.70 -11.71
N GLU A 446 9.50 12.15 -11.96
CA GLU A 446 8.19 12.60 -11.46
C GLU A 446 8.17 12.59 -9.92
N GLU A 447 8.63 11.46 -9.29
CA GLU A 447 8.76 11.30 -7.86
C GLU A 447 9.67 12.37 -7.24
N ILE A 448 10.79 12.74 -7.90
CA ILE A 448 11.68 13.80 -7.42
C ILE A 448 10.98 15.17 -7.50
N GLN A 449 10.20 15.39 -8.57
CA GLN A 449 9.45 16.63 -8.77
C GLN A 449 8.41 16.87 -7.67
N PHE A 450 7.84 15.78 -7.09
CA PHE A 450 6.86 15.86 -5.99
C PHE A 450 7.52 16.51 -4.79
N TYR A 451 8.73 16.05 -4.42
CA TYR A 451 9.50 16.61 -3.33
C TYR A 451 9.91 18.06 -3.60
N VAL A 452 10.19 18.38 -4.87
CA VAL A 452 10.57 19.75 -5.29
C VAL A 452 9.39 20.69 -5.04
N GLN A 453 8.19 20.30 -5.54
CA GLN A 453 6.92 21.02 -5.39
C GLN A 453 6.58 21.26 -3.91
N GLN A 454 6.80 20.26 -3.04
CA GLN A 454 6.52 20.36 -1.61
C GLN A 454 7.46 21.30 -0.92
N PHE A 455 8.77 21.20 -1.21
CA PHE A 455 9.78 22.09 -0.59
C PHE A 455 9.71 23.55 -1.05
N LYS A 456 8.96 23.83 -2.16
CA LYS A 456 8.72 25.17 -2.69
C LYS A 456 7.80 25.99 -1.76
N LYS A 457 7.01 25.29 -0.91
CA LYS A 457 6.09 25.96 0.01
C LYS A 457 6.82 26.72 1.12
N SER A 458 7.61 26.03 1.95
CA SER A 458 8.27 26.68 3.09
C SER A 458 9.77 26.41 3.27
N GLY A 459 10.38 25.71 2.30
CA GLY A 459 11.80 25.39 2.30
C GLY A 459 12.33 24.57 3.45
N PHE A 460 13.61 24.81 3.78
CA PHE A 460 14.36 24.06 4.76
C PHE A 460 14.48 24.62 6.17
N ARG A 461 13.94 25.82 6.45
CA ARG A 461 14.02 26.40 7.81
C ARG A 461 13.41 25.48 8.87
N GLY A 462 12.16 25.09 8.64
CA GLY A 462 11.39 24.19 9.50
C GLY A 462 12.06 22.84 9.66
N PRO A 463 12.27 22.09 8.55
CA PRO A 463 13.04 20.83 8.64
C PRO A 463 14.39 20.97 9.38
N LEU A 464 15.23 21.97 9.01
CA LEU A 464 16.55 22.21 9.65
C LEU A 464 16.48 22.55 11.12
N ASN A 465 15.34 23.07 11.60
CA ASN A 465 15.21 23.44 13.02
C ASN A 465 15.18 22.22 13.94
N TRP A 466 14.84 21.03 13.36
CA TRP A 466 14.81 19.74 14.05
C TRP A 466 16.22 19.41 14.60
N TYR A 467 17.27 19.91 13.91
CA TYR A 467 18.69 19.80 14.28
C TYR A 467 19.14 20.88 15.27
N ARG A 468 18.34 21.96 15.45
CA ARG A 468 18.73 23.13 16.23
C ARG A 468 18.22 23.18 17.67
N ASN A 469 17.90 22.01 18.24
CA ASN A 469 17.39 21.93 19.61
C ASN A 469 18.13 20.89 20.46
N MET A 470 19.37 20.53 20.07
CA MET A 470 20.25 19.56 20.75
C MET A 470 20.19 19.65 22.28
N GLU A 471 20.42 20.85 22.87
CA GLU A 471 20.40 21.11 24.31
C GLU A 471 19.03 20.90 24.95
N ARG A 472 17.94 21.38 24.31
CA ARG A 472 16.57 21.23 24.82
C ARG A 472 16.20 19.76 24.88
N ASN A 473 16.41 19.03 23.76
CA ASN A 473 16.13 17.60 23.61
C ASN A 473 16.87 16.80 24.66
N TRP A 474 18.16 17.15 24.90
CA TRP A 474 19.04 16.51 25.87
C TRP A 474 18.52 16.66 27.31
N LYS A 475 18.19 17.91 27.72
CA LYS A 475 17.65 18.24 29.04
C LYS A 475 16.33 17.49 29.26
N TRP A 476 15.45 17.48 28.23
CA TRP A 476 14.17 16.78 28.26
C TRP A 476 14.36 15.26 28.39
N ALA A 477 15.15 14.65 27.50
CA ALA A 477 15.46 13.20 27.49
C ALA A 477 16.02 12.69 28.83
N CYS A 478 16.75 13.56 29.55
CA CYS A 478 17.34 13.27 30.85
C CYS A 478 16.30 13.02 31.96
N LYS A 479 15.03 13.45 31.75
CA LYS A 479 13.93 13.22 32.68
C LYS A 479 13.45 11.76 32.56
N SER A 480 13.78 11.10 31.41
CA SER A 480 13.40 9.72 31.07
C SER A 480 14.49 8.67 31.37
N LEU A 481 15.63 9.11 31.93
CA LEU A 481 16.76 8.22 32.24
C LEU A 481 16.48 7.04 33.18
N GLY A 482 15.43 7.16 33.99
CA GLY A 482 15.02 6.09 34.90
C GLY A 482 14.00 5.12 34.31
N ARG A 483 13.44 5.44 33.14
CA ARG A 483 12.40 4.61 32.53
C ARG A 483 12.92 3.53 31.61
N LYS A 484 12.05 2.58 31.29
CA LYS A 484 12.30 1.54 30.29
C LYS A 484 11.11 1.49 29.35
N ILE A 485 11.35 1.22 28.05
CA ILE A 485 10.28 1.06 27.08
C ILE A 485 9.83 -0.41 27.21
N LEU A 486 8.60 -0.60 27.71
CA LEU A 486 8.03 -1.93 27.97
C LEU A 486 6.81 -2.25 27.12
N ILE A 487 6.43 -1.32 26.21
CA ILE A 487 5.32 -1.52 25.26
C ILE A 487 5.88 -2.28 24.04
N PRO A 488 5.09 -2.91 23.15
CA PRO A 488 5.71 -3.61 21.99
C PRO A 488 6.55 -2.65 21.16
N ALA A 489 7.80 -3.04 20.85
CA ALA A 489 8.77 -2.22 20.12
C ALA A 489 9.57 -3.00 19.09
N LEU A 490 9.83 -2.37 17.92
CA LEU A 490 10.58 -2.95 16.81
C LEU A 490 11.67 -2.01 16.32
N MET A 491 12.88 -2.54 16.17
CA MET A 491 14.03 -1.79 15.67
C MET A 491 14.42 -2.42 14.34
N VAL A 492 14.40 -1.63 13.26
CA VAL A 492 14.75 -2.11 11.92
C VAL A 492 16.03 -1.41 11.44
N THR A 493 17.13 -2.18 11.34
CA THR A 493 18.46 -1.71 10.93
C THR A 493 18.69 -1.93 9.44
N ALA A 494 19.31 -0.93 8.78
CA ALA A 494 19.64 -1.00 7.34
C ALA A 494 21.17 -1.15 7.23
N GLU A 495 21.64 -2.31 6.70
CA GLU A 495 23.05 -2.69 6.61
C GLU A 495 24.00 -1.55 6.19
N LYS A 496 23.68 -0.87 5.08
CA LYS A 496 24.51 0.16 4.48
C LYS A 496 24.14 1.62 4.78
N ASP A 497 23.51 1.88 5.96
CA ASP A 497 23.22 3.25 6.35
C ASP A 497 24.46 3.76 7.07
N PHE A 498 25.16 4.73 6.46
CA PHE A 498 26.39 5.26 7.03
C PHE A 498 26.22 6.41 8.05
N VAL A 499 24.97 6.85 8.28
CA VAL A 499 24.63 7.86 9.28
C VAL A 499 24.09 7.13 10.51
N LEU A 500 23.02 6.36 10.32
CA LEU A 500 22.34 5.59 11.35
C LEU A 500 22.74 4.13 11.18
N VAL A 501 23.96 3.81 11.65
CA VAL A 501 24.58 2.48 11.49
C VAL A 501 24.00 1.39 12.41
N PRO A 502 23.76 0.15 11.89
CA PRO A 502 23.24 -0.93 12.76
C PRO A 502 23.92 -1.12 14.12
N GLN A 503 25.27 -0.96 14.16
CA GLN A 503 26.11 -1.08 15.36
C GLN A 503 25.62 -0.19 16.52
N MET A 504 25.16 1.05 16.22
CA MET A 504 24.64 2.01 17.22
C MET A 504 23.43 1.49 18.05
N SER A 505 22.69 0.47 17.52
CA SER A 505 21.51 -0.12 18.16
C SER A 505 21.79 -1.24 19.16
N GLN A 506 23.04 -1.76 19.22
CA GLN A 506 23.46 -2.91 20.05
C GLN A 506 23.01 -2.98 21.53
N HIS A 507 23.02 -1.83 22.25
CA HIS A 507 22.63 -1.81 23.67
C HIS A 507 21.15 -1.52 23.91
N MET A 508 20.36 -1.40 22.83
CA MET A 508 18.93 -1.07 22.92
C MET A 508 18.10 -1.99 23.82
N GLU A 509 18.51 -3.27 23.93
CA GLU A 509 17.83 -4.25 24.79
C GLU A 509 17.99 -3.95 26.29
N ASP A 510 18.98 -3.12 26.66
CA ASP A 510 19.21 -2.67 28.04
C ASP A 510 18.08 -1.76 28.52
N TRP A 511 17.41 -1.06 27.58
CA TRP A 511 16.32 -0.13 27.90
C TRP A 511 15.00 -0.59 27.37
N ILE A 512 15.02 -1.52 26.41
CA ILE A 512 13.82 -2.12 25.81
C ILE A 512 14.03 -3.66 25.87
N PRO A 513 13.79 -4.34 27.02
CA PRO A 513 14.07 -5.79 27.10
C PRO A 513 13.35 -6.69 26.10
N HIS A 514 12.05 -6.42 25.87
CA HIS A 514 11.19 -7.19 24.96
C HIS A 514 11.31 -6.76 23.49
N LEU A 515 12.27 -5.86 23.18
CA LEU A 515 12.54 -5.34 21.85
C LEU A 515 12.61 -6.42 20.79
N LYS A 516 11.78 -6.27 19.74
CA LYS A 516 11.82 -7.16 18.60
C LYS A 516 12.73 -6.50 17.54
N ARG A 517 13.31 -7.27 16.63
CA ARG A 517 14.25 -6.75 15.66
C ARG A 517 13.99 -7.22 14.25
N GLY A 518 14.49 -6.42 13.31
CA GLY A 518 14.42 -6.61 11.87
C GLY A 518 15.66 -6.00 11.25
N HIS A 519 16.15 -6.60 10.16
CA HIS A 519 17.35 -6.14 9.49
C HIS A 519 17.19 -6.25 8.00
N ILE A 520 17.74 -5.28 7.25
CA ILE A 520 17.70 -5.28 5.78
C ILE A 520 19.11 -5.16 5.20
N GLU A 521 19.53 -6.21 4.48
CA GLU A 521 20.84 -6.24 3.83
C GLU A 521 20.79 -5.42 2.55
N ASP A 522 21.95 -4.83 2.18
CA ASP A 522 22.16 -4.01 0.97
C ASP A 522 21.16 -2.84 0.90
N CYS A 523 20.91 -2.19 2.05
CA CYS A 523 19.95 -1.11 2.17
C CYS A 523 20.60 0.15 2.70
N GLY A 524 20.39 1.27 2.00
CA GLY A 524 20.89 2.58 2.38
C GLY A 524 20.05 3.28 3.44
N HIS A 525 20.24 4.60 3.57
CA HIS A 525 19.57 5.45 4.55
C HIS A 525 18.09 5.65 4.27
N TRP A 526 17.73 5.82 2.99
CA TRP A 526 16.38 6.04 2.49
C TRP A 526 15.68 4.70 2.36
N THR A 527 15.59 3.99 3.49
CA THR A 527 15.04 2.65 3.69
C THR A 527 13.79 2.26 2.90
N GLN A 528 12.74 3.11 2.97
CA GLN A 528 11.44 2.81 2.38
C GLN A 528 11.44 2.69 0.88
N MET A 529 12.18 3.57 0.18
CA MET A 529 12.25 3.56 -1.29
C MET A 529 13.36 2.64 -1.84
N ASP A 530 14.35 2.34 -0.99
CA ASP A 530 15.49 1.47 -1.26
C ASP A 530 15.05 0.04 -1.28
N LYS A 531 14.42 -0.43 -0.17
CA LYS A 531 13.96 -1.79 0.00
C LYS A 531 12.47 -1.86 0.43
N PRO A 532 11.53 -1.36 -0.41
CA PRO A 532 10.11 -1.36 -0.01
C PRO A 532 9.47 -2.70 0.36
N THR A 533 9.61 -3.71 -0.52
CA THR A 533 9.05 -5.06 -0.35
C THR A 533 9.40 -5.67 1.01
N GLU A 534 10.67 -5.54 1.40
CA GLU A 534 11.18 -6.07 2.65
C GLU A 534 10.78 -5.25 3.86
N VAL A 535 10.63 -3.91 3.70
CA VAL A 535 10.15 -3.00 4.76
C VAL A 535 8.70 -3.41 5.09
N ASN A 536 7.86 -3.58 4.05
CA ASN A 536 6.47 -3.98 4.19
C ASN A 536 6.35 -5.36 4.82
N GLN A 537 7.20 -6.31 4.37
CA GLN A 537 7.24 -7.68 4.89
C GLN A 537 7.51 -7.65 6.41
N ILE A 538 8.55 -6.91 6.83
CA ILE A 538 8.92 -6.75 8.24
C ILE A 538 7.82 -6.06 9.08
N LEU A 539 7.26 -4.93 8.58
CA LEU A 539 6.21 -4.21 9.32
C LEU A 539 4.92 -4.97 9.46
N ILE A 540 4.42 -5.56 8.34
CA ILE A 540 3.19 -6.36 8.39
C ILE A 540 3.32 -7.55 9.35
N LYS A 541 4.46 -8.26 9.32
CA LYS A 541 4.69 -9.41 10.20
C LYS A 541 4.72 -8.99 11.69
N TRP A 542 5.32 -7.83 12.01
CA TRP A 542 5.39 -7.31 13.37
C TRP A 542 4.05 -6.72 13.83
N LEU A 543 3.33 -6.02 12.93
CA LEU A 543 2.02 -5.45 13.23
C LEU A 543 1.02 -6.55 13.57
N ASP A 544 0.98 -7.61 12.75
CA ASP A 544 0.08 -8.74 12.92
C ASP A 544 0.33 -9.54 14.20
N SER A 545 1.58 -9.55 14.70
CA SER A 545 1.96 -10.29 15.91
C SER A 545 1.95 -9.46 17.20
N ASP A 546 2.42 -8.19 17.15
CA ASP A 546 2.54 -7.32 18.33
C ASP A 546 1.61 -6.09 18.44
N ALA A 547 0.85 -5.75 17.36
CA ALA A 547 -0.01 -4.57 17.36
C ALA A 547 -1.53 -4.80 17.18
N ARG A 548 -1.97 -6.09 17.13
CA ARG A 548 -3.38 -6.51 16.96
C ARG A 548 -3.99 -6.05 15.63
S SO4 B . 23.07 9.49 3.11
O1 SO4 B . 23.77 8.29 3.60
O2 SO4 B . 21.87 9.11 2.37
O3 SO4 B . 22.70 10.32 4.26
O4 SO4 B . 23.96 10.26 2.23
S SO4 C . -11.59 1.75 -10.77
O1 SO4 C . -11.51 0.52 -11.56
O2 SO4 C . -11.16 2.87 -11.61
O3 SO4 C . -12.97 1.94 -10.32
O4 SO4 C . -10.71 1.67 -9.59
S SO4 D . 11.64 3.32 -9.54
O1 SO4 D . 12.17 2.35 -8.56
O2 SO4 D . 12.49 3.32 -10.72
O3 SO4 D . 10.28 2.96 -9.93
O4 SO4 D . 11.63 4.64 -8.93
C1 8TM E . 17.71 10.86 13.58
C2 8TM E . 18.19 11.29 14.81
C3 8TM E . 18.32 11.28 12.42
C4 8TM E . 19.28 12.13 14.85
C5 8TM E . 21.43 12.66 8.56
C6 8TM E . 19.22 12.56 7.71
C7 8TM E . 21.91 12.94 7.29
C8 8TM E . 19.68 12.85 6.45
C9 8TM E . 21.52 13.71 12.62
C10 8TM E . 19.42 12.12 12.47
C11 8TM E . 19.91 12.56 13.70
C12 8TM E . 20.08 12.46 8.79
C13 8TM E . 21.03 13.04 6.24
C14 8TM E . 20.06 12.55 11.32
C15 8TM E . 21.79 15.20 4.81
N16 8TM E . 20.99 13.36 13.79
N17 8TM E . 21.11 13.36 11.39
N18 8TM E . 19.58 12.13 10.06
F19 8TM E . 22.51 15.74 3.78
F20 8TM E . 22.43 15.57 5.95
F21 8TM E . 20.56 15.79 4.80
S22 8TM E . 21.64 13.41 4.61
#